data_8RQD
#
_entry.id   8RQD
#
_cell.length_a   139.907
_cell.length_b   139.907
_cell.length_c   33.313
_cell.angle_alpha   90.00
_cell.angle_beta   90.00
_cell.angle_gamma   120.00
#
_symmetry.space_group_name_H-M   'H 3'
#
loop_
_entity.id
_entity.type
_entity.pdbx_description
1 polymer "2'-deoxynucleoside 5'-phosphate N-hydrolase 1"
2 non-polymer 'CHLORIDE ION'
3 non-polymer DI(HYDROXYETHYL)ETHER
4 non-polymer 'SULFATE ION'
5 water water
#
_entity_poly.entity_id   1
_entity_poly.type   'polypeptide(L)'
_entity_poly.pdbx_seq_one_letter_code
;GMRPALFFCGSIRGGREDRTLYERIVSRLRRFGTVLTEHVAAAELGARGEEAAGGDRLIHEQDLEWLQQADVVVAEVTQP
SLGVGYELGRAVAFNKRILCLFRPQSGRVLSAMIRGAADGSRFQVWDYEEGEVEALLDRYFEADP
;
_entity_poly.pdbx_strand_id   C,A
#
loop_
_chem_comp.id
_chem_comp.type
_chem_comp.name
_chem_comp.formula
CL non-polymer 'CHLORIDE ION' 'Cl -1'
PEG non-polymer DI(HYDROXYETHYL)ETHER 'C4 H10 O3'
SO4 non-polymer 'SULFATE ION' 'O4 S -2'
#
# COMPACT_ATOMS: atom_id res chain seq x y z
N MET A 2 21.39 10.40 18.58
CA MET A 2 22.73 10.33 17.93
C MET A 2 22.60 9.44 16.69
N ARG A 3 22.32 8.15 16.85
CA ARG A 3 22.15 7.26 15.67
C ARG A 3 20.65 7.01 15.49
N PRO A 4 20.03 7.45 14.38
CA PRO A 4 18.61 7.24 14.16
C PRO A 4 18.27 5.77 13.86
N ALA A 5 17.03 5.39 14.16
CA ALA A 5 16.52 4.03 13.86
C ALA A 5 15.84 4.10 12.49
N LEU A 6 16.20 3.19 11.60
CA LEU A 6 15.61 3.27 10.24
C LEU A 6 14.78 2.03 9.92
N PHE A 7 13.60 2.25 9.36
CA PHE A 7 12.79 1.17 8.85
C PHE A 7 13.04 1.09 7.35
N PHE A 8 13.38 -0.10 6.85
CA PHE A 8 13.51 -0.31 5.42
C PHE A 8 12.63 -1.49 5.00
N CYS A 9 11.78 -1.28 3.98
CA CYS A 9 11.11 -2.39 3.34
C CYS A 9 10.88 -2.09 1.86
N GLY A 10 10.69 -3.17 1.12
CA GLY A 10 10.40 -3.11 -0.29
C GLY A 10 10.08 -4.52 -0.76
N SER A 11 9.18 -4.63 -1.74
CA SER A 11 8.79 -5.92 -2.26
C SER A 11 9.96 -6.48 -3.05
N ILE A 12 10.73 -7.40 -2.47
CA ILE A 12 11.63 -8.23 -3.25
C ILE A 12 10.79 -9.28 -3.96
N ARG A 13 10.60 -9.05 -5.25
CA ARG A 13 10.07 -10.06 -6.14
C ARG A 13 11.09 -10.17 -7.27
N GLY A 14 11.83 -11.28 -7.33
CA GLY A 14 12.58 -11.53 -8.53
C GLY A 14 13.76 -12.44 -8.26
N GLY A 15 14.80 -12.26 -9.07
CA GLY A 15 16.07 -12.88 -8.81
C GLY A 15 17.01 -11.95 -8.05
N ARG A 16 18.25 -11.90 -8.56
CA ARG A 16 19.39 -11.46 -7.79
C ARG A 16 19.45 -9.95 -7.75
N GLU A 17 19.01 -9.34 -8.86
CA GLU A 17 19.22 -7.92 -9.08
C GLU A 17 18.50 -7.12 -8.00
N ASP A 18 17.26 -7.51 -7.69
CA ASP A 18 16.45 -6.88 -6.67
C ASP A 18 17.07 -7.14 -5.30
N ARG A 19 17.35 -8.42 -5.02
CA ARG A 19 17.99 -8.81 -3.78
C ARG A 19 19.25 -7.96 -3.60
N THR A 20 20.03 -7.79 -4.66
CA THR A 20 21.28 -7.06 -4.58
C THR A 20 21.04 -5.57 -4.37
N LEU A 21 20.02 -5.06 -5.04
CA LEU A 21 19.68 -3.65 -4.89
C LEU A 21 19.24 -3.37 -3.47
N TYR A 22 18.37 -4.24 -2.94
CA TYR A 22 17.89 -4.18 -1.57
C TYR A 22 19.07 -4.20 -0.60
N GLU A 23 20.05 -5.07 -0.87
CA GLU A 23 21.20 -5.23 0.02
C GLU A 23 22.10 -4.01 -0.09
N ARG A 24 22.18 -3.41 -1.28
CA ARG A 24 22.98 -2.22 -1.46
C ARG A 24 22.38 -1.04 -0.70
N ILE A 25 21.05 -0.96 -0.71
CA ILE A 25 20.31 0.13 -0.02
C ILE A 25 20.45 -0.05 1.48
N VAL A 26 20.24 -1.29 1.95
CA VAL A 26 20.33 -1.60 3.39
C VAL A 26 21.75 -1.31 3.87
N SER A 27 22.76 -1.71 3.10
CA SER A 27 24.17 -1.49 3.50
C SER A 27 24.48 0.00 3.58
N ARG A 28 23.96 0.80 2.64
CA ARG A 28 24.16 2.28 2.67
C ARG A 28 23.43 2.90 3.88
N LEU A 29 22.22 2.43 4.18
CA LEU A 29 21.39 2.91 5.33
C LEU A 29 22.12 2.64 6.65
N ARG A 30 22.82 1.51 6.74
CA ARG A 30 23.59 1.06 7.93
C ARG A 30 24.67 2.09 8.30
N ARG A 31 25.26 2.79 7.33
CA ARG A 31 26.24 3.86 7.58
C ARG A 31 25.60 4.99 8.40
N PHE A 32 24.33 5.31 8.16
CA PHE A 32 23.67 6.47 8.84
C PHE A 32 22.90 6.10 10.11
N GLY A 33 22.54 4.84 10.29
CA GLY A 33 21.74 4.48 11.47
C GLY A 33 21.51 2.99 11.57
N THR A 34 20.72 2.57 12.55
CA THR A 34 20.49 1.16 12.76
C THR A 34 19.21 0.76 12.03
N VAL A 35 19.28 -0.32 11.23
CA VAL A 35 18.17 -0.72 10.38
C VAL A 35 17.32 -1.75 11.11
N LEU A 36 16.22 -1.29 11.73
CA LEU A 36 15.39 -2.14 12.58
C LEU A 36 14.93 -3.41 11.85
N THR A 37 14.61 -3.30 10.55
CA THR A 37 13.88 -4.33 9.84
C THR A 37 14.81 -5.43 9.34
N GLU A 38 16.11 -5.29 9.62
CA GLU A 38 17.10 -6.18 9.05
C GLU A 38 17.80 -7.00 10.11
N HIS A 39 17.30 -6.96 11.34
CA HIS A 39 18.03 -7.52 12.45
C HIS A 39 17.76 -9.04 12.47
N GLY A 46 11.81 -19.44 2.19
CA GLY A 46 11.29 -20.50 3.07
C GLY A 46 9.94 -20.13 3.65
N ALA A 47 9.79 -20.21 4.98
CA ALA A 47 8.53 -19.83 5.65
C ALA A 47 8.86 -19.26 7.03
N ARG A 48 8.19 -18.18 7.42
CA ARG A 48 8.48 -17.45 8.68
C ARG A 48 8.22 -18.26 9.95
N GLY A 49 9.10 -18.09 10.92
CA GLY A 49 8.96 -18.58 12.30
C GLY A 49 7.92 -17.75 13.02
N GLU A 50 7.79 -16.48 12.60
CA GLU A 50 6.81 -15.52 13.16
C GLU A 50 5.38 -16.03 12.93
N GLU A 51 5.08 -16.53 11.73
CA GLU A 51 3.72 -17.04 11.44
C GLU A 51 3.44 -18.30 12.25
N ALA A 52 4.44 -19.18 12.38
CA ALA A 52 4.27 -20.39 13.17
C ALA A 52 4.09 -20.04 14.64
N ALA A 53 4.76 -18.99 15.08
CA ALA A 53 4.67 -18.59 16.48
C ALA A 53 3.33 -17.92 16.78
N GLY A 54 2.83 -17.02 15.91
CA GLY A 54 1.65 -16.22 16.24
C GLY A 54 0.87 -15.76 15.00
N GLY A 55 1.00 -16.48 13.88
CA GLY A 55 0.22 -16.18 12.69
C GLY A 55 0.60 -14.85 12.05
N ASP A 56 -0.20 -14.42 11.07
CA ASP A 56 -0.03 -13.16 10.37
C ASP A 56 -0.18 -11.95 11.31
N ARG A 57 -1.04 -12.07 12.30
CA ARG A 57 -1.18 -11.06 13.33
C ARG A 57 0.17 -10.73 14.00
N LEU A 58 0.98 -11.73 14.34
CA LEU A 58 2.26 -11.45 14.98
C LEU A 58 3.23 -10.75 14.02
N ILE A 59 3.25 -11.18 12.77
CA ILE A 59 4.03 -10.48 11.75
C ILE A 59 3.67 -9.00 11.69
N HIS A 60 2.36 -8.72 11.65
CA HIS A 60 1.85 -7.36 11.50
C HIS A 60 2.28 -6.53 12.71
N GLU A 61 2.14 -7.11 13.91
CA GLU A 61 2.51 -6.45 15.16
C GLU A 61 4.02 -6.17 15.18
N GLN A 62 4.84 -7.10 14.65
CA GLN A 62 6.29 -6.89 14.66
C GLN A 62 6.65 -5.72 13.73
N ASP A 63 6.11 -5.71 12.50
CA ASP A 63 6.34 -4.59 11.58
C ASP A 63 5.91 -3.24 12.16
N LEU A 64 4.72 -3.19 12.76
CA LEU A 64 4.25 -1.95 13.38
C LEU A 64 5.16 -1.54 14.54
N GLU A 65 5.68 -2.50 15.31
CA GLU A 65 6.57 -2.20 16.42
C GLU A 65 7.80 -1.46 15.90
N TRP A 66 8.38 -2.02 14.83
CA TRP A 66 9.52 -1.42 14.14
C TRP A 66 9.15 -0.09 13.50
N LEU A 67 7.95 0.03 12.91
CA LEU A 67 7.52 1.30 12.35
C LEU A 67 7.54 2.37 13.44
N GLN A 68 6.95 2.03 14.59
CA GLN A 68 6.77 3.04 15.63
C GLN A 68 8.13 3.45 16.18
N GLN A 69 9.09 2.52 16.21
CA GLN A 69 10.38 2.80 16.78
C GLN A 69 11.24 3.64 15.83
N ALA A 70 10.89 3.66 14.52
CA ALA A 70 11.78 4.21 13.49
C ALA A 70 11.78 5.73 13.52
N ASP A 71 12.90 6.35 13.17
CA ASP A 71 12.94 7.79 12.89
C ASP A 71 12.72 8.10 11.41
N VAL A 72 13.22 7.22 10.52
CA VAL A 72 12.97 7.41 9.10
C VAL A 72 12.45 6.08 8.57
N VAL A 73 11.43 6.15 7.72
CA VAL A 73 10.93 5.01 6.98
C VAL A 73 11.40 5.13 5.54
N VAL A 74 12.06 4.07 5.05
CA VAL A 74 12.55 4.02 3.68
C VAL A 74 11.86 2.86 2.96
N ALA A 75 11.22 3.19 1.83
CA ALA A 75 10.44 2.25 1.07
C ALA A 75 10.95 2.24 -0.37
N GLU A 76 11.30 1.06 -0.86
CA GLU A 76 11.59 0.89 -2.28
C GLU A 76 10.26 0.51 -2.93
N VAL A 77 9.73 1.38 -3.78
CA VAL A 77 8.33 1.33 -4.17
C VAL A 77 8.23 1.06 -5.66
N THR A 78 9.25 0.43 -6.24
CA THR A 78 9.29 0.10 -7.65
C THR A 78 8.27 -1.00 -7.93
N GLN A 79 8.27 -2.02 -7.09
CA GLN A 79 7.40 -3.17 -7.23
C GLN A 79 6.13 -2.92 -6.43
N PRO A 80 4.94 -3.07 -7.03
CA PRO A 80 3.67 -3.01 -6.30
C PRO A 80 3.61 -3.92 -5.08
N SER A 81 3.10 -3.40 -3.95
CA SER A 81 3.04 -4.17 -2.72
C SER A 81 2.00 -3.58 -1.79
N LEU A 82 1.05 -4.43 -1.41
CA LEU A 82 0.05 -4.03 -0.43
C LEU A 82 0.72 -3.74 0.91
N GLY A 83 1.64 -4.62 1.30
CA GLY A 83 2.33 -4.53 2.57
C GLY A 83 3.05 -3.19 2.70
N VAL A 84 3.87 -2.88 1.69
CA VAL A 84 4.65 -1.66 1.69
C VAL A 84 3.72 -0.44 1.74
N GLY A 85 2.70 -0.44 0.86
CA GLY A 85 1.70 0.61 0.85
C GLY A 85 1.16 0.85 2.25
N TYR A 86 0.76 -0.26 2.91
CA TYR A 86 0.12 -0.23 4.22
C TYR A 86 1.08 0.35 5.26
N GLU A 87 2.33 -0.07 5.23
CA GLU A 87 3.35 0.50 6.11
C GLU A 87 3.47 2.00 5.94
N LEU A 88 3.51 2.46 4.68
CA LEU A 88 3.62 3.90 4.43
C LEU A 88 2.38 4.61 4.98
N GLY A 89 1.21 3.99 4.82
CA GLY A 89 -0.03 4.56 5.35
C GLY A 89 0.01 4.74 6.85
N ARG A 90 0.41 3.65 7.56
CA ARG A 90 0.56 3.72 9.01
C ARG A 90 1.64 4.75 9.38
N ALA A 91 2.76 4.72 8.67
CA ALA A 91 3.86 5.62 8.93
C ALA A 91 3.45 7.10 8.83
N VAL A 92 2.67 7.45 7.81
CA VAL A 92 2.15 8.80 7.68
C VAL A 92 1.36 9.14 8.95
N ALA A 93 0.49 8.23 9.41
CA ALA A 93 -0.27 8.46 10.63
C ALA A 93 0.61 8.67 11.86
N PHE A 94 1.82 8.09 11.90
CA PHE A 94 2.70 8.32 13.03
C PHE A 94 3.56 9.56 12.81
N ASN A 95 3.43 10.19 11.65
CA ASN A 95 4.17 11.42 11.36
C ASN A 95 5.66 11.13 11.27
N LYS A 96 6.02 9.93 10.81
CA LYS A 96 7.41 9.63 10.50
C LYS A 96 7.89 10.42 9.28
N ARG A 97 9.18 10.68 9.23
CA ARG A 97 9.87 11.02 8.00
C ARG A 97 9.90 9.83 7.04
N ILE A 98 9.51 10.06 5.79
CA ILE A 98 9.37 9.00 4.82
C ILE A 98 10.21 9.36 3.60
N LEU A 99 10.98 8.37 3.13
CA LEU A 99 11.67 8.40 1.84
C LEU A 99 11.28 7.17 1.01
N CYS A 100 10.66 7.43 -0.15
CA CYS A 100 10.35 6.39 -1.12
C CYS A 100 11.32 6.48 -2.29
N LEU A 101 11.72 5.32 -2.78
CA LEU A 101 12.68 5.23 -3.85
C LEU A 101 12.05 4.48 -5.00
N PHE A 102 11.94 5.16 -6.14
CA PHE A 102 11.30 4.60 -7.31
C PHE A 102 12.29 4.53 -8.45
N ARG A 103 12.24 3.44 -9.23
CA ARG A 103 13.09 3.29 -10.40
C ARG A 103 12.27 3.31 -11.70
N PRO A 104 12.21 4.45 -12.42
CA PRO A 104 11.40 4.53 -13.63
C PRO A 104 11.84 3.56 -14.72
N GLN A 105 13.14 3.23 -14.76
CA GLN A 105 13.66 2.30 -15.75
C GLN A 105 13.09 0.89 -15.52
N SER A 106 12.44 0.67 -14.37
CA SER A 106 11.76 -0.59 -14.16
C SER A 106 10.70 -0.83 -15.23
N GLY A 107 10.19 0.26 -15.83
CA GLY A 107 9.06 0.22 -16.74
C GLY A 107 7.72 0.44 -16.02
N ARG A 108 7.71 0.31 -14.70
CA ARG A 108 6.45 0.32 -13.93
C ARG A 108 5.95 1.76 -13.86
N VAL A 109 4.73 1.92 -13.38
CA VAL A 109 4.20 3.25 -13.17
C VAL A 109 3.81 3.37 -11.70
N LEU A 110 4.30 4.41 -11.04
CA LEU A 110 4.13 4.54 -9.61
C LEU A 110 2.70 4.94 -9.36
N SER A 111 2.02 4.19 -8.48
CA SER A 111 0.70 4.58 -8.00
C SER A 111 0.63 6.08 -7.77
N ALA A 112 -0.46 6.67 -8.23
CA ALA A 112 -0.71 8.10 -8.10
C ALA A 112 -0.84 8.49 -6.63
N MET A 113 -1.39 7.58 -5.83
CA MET A 113 -1.54 7.83 -4.41
C MET A 113 -0.19 8.05 -3.75
N ILE A 114 0.85 7.36 -4.24
CA ILE A 114 2.15 7.44 -3.57
C ILE A 114 2.83 8.70 -4.06
N ARG A 115 2.91 8.84 -5.39
CA ARG A 115 3.41 10.08 -5.98
C ARG A 115 2.74 11.30 -5.32
N GLY A 116 1.42 11.27 -5.17
CA GLY A 116 0.66 12.42 -4.70
C GLY A 116 0.86 12.74 -3.22
N ALA A 117 1.40 11.79 -2.45
CA ALA A 117 1.64 11.98 -1.01
C ALA A 117 2.84 12.89 -0.73
N ALA A 118 3.71 13.09 -1.73
CA ALA A 118 4.95 13.83 -1.52
C ALA A 118 4.69 15.28 -1.14
N ASP A 119 5.37 15.74 -0.09
CA ASP A 119 5.27 17.13 0.31
C ASP A 119 6.66 17.75 0.39
N GLY A 120 7.69 17.04 -0.09
CA GLY A 120 9.07 17.49 -0.06
C GLY A 120 9.59 17.88 1.33
N SER A 121 8.97 17.43 2.42
CA SER A 121 9.66 17.46 3.70
C SER A 121 9.57 16.09 4.36
N ARG A 122 8.43 15.79 4.97
CA ARG A 122 8.23 14.58 5.73
C ARG A 122 7.92 13.41 4.81
N PHE A 123 7.48 13.68 3.57
CA PHE A 123 7.22 12.61 2.62
C PHE A 123 7.86 12.96 1.28
N GLN A 124 9.03 12.38 0.98
CA GLN A 124 9.69 12.58 -0.29
C GLN A 124 9.62 11.32 -1.14
N VAL A 125 9.53 11.51 -2.47
CA VAL A 125 9.60 10.43 -3.44
C VAL A 125 10.71 10.76 -4.42
N TRP A 126 11.82 10.00 -4.38
CA TRP A 126 12.96 10.23 -5.26
C TRP A 126 12.99 9.16 -6.32
N ASP A 127 13.11 9.58 -7.58
CA ASP A 127 13.36 8.65 -8.68
C ASP A 127 14.87 8.41 -8.76
N TYR A 128 15.30 7.23 -9.19
CA TYR A 128 16.73 6.97 -9.23
C TYR A 128 17.01 5.90 -10.27
N GLU A 129 18.29 5.81 -10.67
CA GLU A 129 18.72 4.72 -11.53
C GLU A 129 19.60 3.82 -10.66
N GLU A 130 19.58 2.53 -11.00
CA GLU A 130 20.13 1.49 -10.16
C GLU A 130 21.54 1.86 -9.68
N GLY A 131 22.31 2.54 -10.54
CA GLY A 131 23.70 2.83 -10.28
C GLY A 131 23.97 4.03 -9.34
N GLU A 132 22.97 4.76 -8.85
CA GLU A 132 23.29 5.96 -8.10
C GLU A 132 22.71 5.97 -6.70
N VAL A 133 22.18 4.83 -6.25
CA VAL A 133 21.33 4.84 -5.08
C VAL A 133 22.15 5.23 -3.85
N GLU A 134 23.45 4.86 -3.84
CA GLU A 134 24.39 5.19 -2.78
C GLU A 134 24.61 6.70 -2.62
N ALA A 135 24.94 7.37 -3.73
CA ALA A 135 25.12 8.80 -3.73
C ALA A 135 23.86 9.49 -3.21
N LEU A 136 22.68 9.05 -3.68
CA LEU A 136 21.42 9.71 -3.34
C LEU A 136 21.10 9.58 -1.84
N LEU A 137 21.31 8.39 -1.26
CA LEU A 137 21.07 8.20 0.17
C LEU A 137 22.01 9.10 0.97
N ASP A 138 23.23 9.26 0.45
CA ASP A 138 24.17 10.24 0.96
C ASP A 138 23.55 11.62 0.96
N ARG A 139 23.01 12.04 -0.19
CA ARG A 139 22.40 13.36 -0.27
C ARG A 139 21.35 13.50 0.83
N TYR A 140 20.45 12.51 0.95
CA TYR A 140 19.32 12.60 1.90
C TYR A 140 19.75 12.64 3.37
N PHE A 141 20.75 11.84 3.74
CA PHE A 141 21.12 11.73 5.18
C PHE A 141 22.27 12.68 5.59
N GLU A 142 22.73 13.56 4.71
CA GLU A 142 23.88 14.44 5.03
C GLU A 142 23.52 15.91 4.79
N MET B 2 -28.57 9.22 5.93
CA MET B 2 -29.00 7.89 6.43
C MET B 2 -28.04 6.81 5.92
N ARG B 3 -27.90 6.68 4.60
CA ARG B 3 -27.00 5.66 4.00
C ARG B 3 -25.54 5.94 4.40
N PRO B 4 -24.71 4.90 4.64
CA PRO B 4 -23.30 5.10 4.94
C PRO B 4 -22.51 5.48 3.67
N ALA B 5 -21.39 6.18 3.82
CA ALA B 5 -20.52 6.52 2.67
C ALA B 5 -19.55 5.36 2.44
N LEU B 6 -19.40 4.92 1.19
CA LEU B 6 -18.54 3.75 0.90
C LEU B 6 -17.40 4.08 -0.07
N PHE B 7 -16.16 4.08 0.41
CA PHE B 7 -14.99 4.21 -0.43
C PHE B 7 -14.65 2.87 -1.09
N PHE B 8 -14.35 2.91 -2.40
CA PHE B 8 -13.92 1.73 -3.14
C PHE B 8 -12.61 2.06 -3.84
N CYS B 9 -11.59 1.20 -3.70
CA CYS B 9 -10.55 1.14 -4.70
C CYS B 9 -10.03 -0.28 -4.89
N GLY B 10 -9.25 -0.45 -5.96
CA GLY B 10 -8.65 -1.71 -6.36
C GLY B 10 -7.44 -1.45 -7.27
N SER B 11 -6.49 -2.38 -7.32
CA SER B 11 -5.30 -2.20 -8.14
C SER B 11 -5.70 -1.80 -9.56
N ILE B 12 -4.84 -1.02 -10.19
CA ILE B 12 -5.09 -0.58 -11.58
C ILE B 12 -4.93 -1.79 -12.51
N ARG B 13 -4.13 -2.76 -12.09
CA ARG B 13 -3.95 -4.00 -12.90
C ARG B 13 -5.20 -4.87 -12.79
N GLY B 14 -5.74 -4.98 -11.58
CA GLY B 14 -6.92 -5.82 -11.37
C GLY B 14 -8.10 -5.38 -12.24
N GLY B 15 -8.30 -4.06 -12.34
CA GLY B 15 -9.41 -3.51 -13.11
C GLY B 15 -9.24 -3.70 -14.61
N ARG B 16 -8.00 -3.63 -15.11
CA ARG B 16 -7.73 -3.81 -16.52
C ARG B 16 -7.90 -5.28 -16.92
N GLU B 17 -7.46 -6.20 -16.06
CA GLU B 17 -7.50 -7.63 -16.37
C GLU B 17 -8.92 -8.17 -16.39
N ASP B 18 -9.85 -7.50 -15.67
CA ASP B 18 -11.26 -7.88 -15.67
C ASP B 18 -12.15 -6.65 -15.41
N ARG B 19 -12.62 -6.03 -16.49
CA ARG B 19 -13.25 -4.72 -16.45
C ARG B 19 -14.62 -4.80 -15.78
N THR B 20 -15.25 -5.96 -15.98
CA THR B 20 -16.59 -6.24 -15.46
C THR B 20 -16.61 -6.21 -13.93
N LEU B 21 -15.54 -6.70 -13.30
CA LEU B 21 -15.53 -6.98 -11.88
C LEU B 21 -15.70 -5.68 -11.09
N TYR B 22 -14.90 -4.67 -11.40
CA TYR B 22 -14.94 -3.43 -10.61
C TYR B 22 -16.28 -2.74 -10.82
N GLU B 23 -16.78 -2.79 -12.06
CA GLU B 23 -18.10 -2.23 -12.38
C GLU B 23 -19.16 -2.91 -11.52
N ARG B 24 -19.12 -4.25 -11.44
CA ARG B 24 -20.12 -4.99 -10.66
C ARG B 24 -20.00 -4.68 -9.16
N ILE B 25 -18.76 -4.55 -8.65
CA ILE B 25 -18.57 -4.28 -7.24
C ILE B 25 -19.23 -2.95 -6.90
N VAL B 26 -18.88 -1.92 -7.68
CA VAL B 26 -19.34 -0.58 -7.38
C VAL B 26 -20.86 -0.49 -7.63
N SER B 27 -21.35 -1.15 -8.67
CA SER B 27 -22.78 -1.18 -8.94
C SER B 27 -23.56 -1.74 -7.76
N ARG B 28 -23.07 -2.83 -7.16
CA ARG B 28 -23.75 -3.51 -6.08
C ARG B 28 -23.64 -2.67 -4.81
N LEU B 29 -22.50 -2.01 -4.61
CA LEU B 29 -22.33 -1.13 -3.47
C LEU B 29 -23.39 -0.03 -3.52
N ARG B 30 -23.82 0.37 -4.73
CA ARG B 30 -24.78 1.44 -4.88
C ARG B 30 -26.14 1.04 -4.32
N ARG B 31 -26.45 -0.27 -4.26
CA ARG B 31 -27.59 -0.74 -3.48
C ARG B 31 -27.55 -0.22 -2.05
N PHE B 32 -26.34 -0.01 -1.48
CA PHE B 32 -26.16 0.05 -0.04
C PHE B 32 -25.58 1.39 0.46
N GLY B 33 -24.95 2.17 -0.41
CA GLY B 33 -24.52 3.49 0.03
C GLY B 33 -23.99 4.32 -1.12
N THR B 34 -23.59 5.56 -0.78
CA THR B 34 -22.98 6.43 -1.76
C THR B 34 -21.52 6.00 -1.91
N VAL B 35 -21.12 5.65 -3.14
CA VAL B 35 -19.78 5.22 -3.44
C VAL B 35 -18.88 6.41 -3.74
N LEU B 36 -17.66 6.41 -3.19
CA LEU B 36 -16.63 7.39 -3.50
C LEU B 36 -15.43 6.65 -4.06
N THR B 37 -14.86 7.14 -5.15
CA THR B 37 -13.68 6.46 -5.67
C THR B 37 -13.12 7.34 -6.77
N GLU B 38 -11.78 7.40 -6.83
CA GLU B 38 -11.07 8.08 -7.90
C GLU B 38 -10.41 7.02 -8.81
N HIS B 39 -10.93 5.79 -8.81
CA HIS B 39 -10.26 4.68 -9.44
C HIS B 39 -9.88 5.01 -10.89
N VAL B 40 -10.85 5.49 -11.66
CA VAL B 40 -10.61 5.76 -13.11
C VAL B 40 -9.51 6.81 -13.25
N ALA B 41 -9.64 7.90 -12.52
CA ALA B 41 -8.62 8.98 -12.56
C ALA B 41 -7.25 8.39 -12.25
N ALA B 42 -7.16 7.64 -11.15
CA ALA B 42 -5.87 7.05 -10.74
C ALA B 42 -5.32 6.20 -11.89
N ALA B 43 -6.14 5.36 -12.48
CA ALA B 43 -5.71 4.56 -13.64
C ALA B 43 -5.10 5.44 -14.73
N GLU B 44 -5.82 6.46 -15.17
CA GLU B 44 -5.36 7.30 -16.30
C GLU B 44 -4.10 8.09 -15.93
N LEU B 45 -4.13 8.80 -14.81
CA LEU B 45 -2.98 9.65 -14.42
C LEU B 45 -1.76 8.74 -14.25
N GLY B 46 -1.98 7.55 -13.68
CA GLY B 46 -0.88 6.58 -13.59
C GLY B 46 -0.30 6.39 -14.97
N ALA B 47 -1.02 5.76 -15.87
CA ALA B 47 -0.52 5.63 -17.25
C ALA B 47 0.37 6.83 -17.63
N ARG B 48 -0.17 8.06 -17.56
CA ARG B 48 0.59 9.26 -18.02
C ARG B 48 1.93 9.30 -17.30
N GLY B 49 1.99 8.77 -16.09
CA GLY B 49 3.27 8.59 -15.41
C GLY B 49 3.87 9.75 -14.70
N GLU B 50 5.04 10.19 -15.15
CA GLU B 50 5.82 11.15 -14.44
C GLU B 50 5.24 12.55 -14.58
N GLU B 51 4.76 12.87 -15.78
CA GLU B 51 4.36 14.24 -16.10
C GLU B 51 3.01 14.60 -15.47
N ALA B 52 2.39 13.63 -14.76
CA ALA B 52 1.07 13.81 -14.17
C ALA B 52 1.17 14.13 -12.68
N ALA B 53 2.23 14.84 -12.30
CA ALA B 53 2.62 14.96 -10.91
C ALA B 53 1.56 15.71 -10.10
N GLY B 54 1.10 16.82 -10.65
CA GLY B 54 0.13 17.65 -9.94
C GLY B 54 -1.22 16.95 -9.87
N GLY B 55 -1.61 16.29 -10.97
CA GLY B 55 -2.79 15.45 -10.94
C GLY B 55 -2.72 14.35 -9.87
N ASP B 56 -1.54 13.76 -9.64
CA ASP B 56 -1.36 12.82 -8.53
C ASP B 56 -1.61 13.47 -7.17
N ARG B 57 -1.11 14.69 -7.01
CA ARG B 57 -1.33 15.37 -5.75
C ARG B 57 -2.83 15.52 -5.52
N LEU B 58 -3.57 15.98 -6.53
CA LEU B 58 -4.99 16.29 -6.41
C LEU B 58 -5.80 15.04 -6.08
N ILE B 59 -5.46 13.94 -6.75
CA ILE B 59 -6.04 12.64 -6.46
C ILE B 59 -5.78 12.23 -5.01
N HIS B 60 -4.55 12.36 -4.54
CA HIS B 60 -4.21 11.97 -3.18
C HIS B 60 -5.10 12.75 -2.22
N GLU B 61 -5.19 14.06 -2.42
CA GLU B 61 -5.92 14.92 -1.50
C GLU B 61 -7.39 14.55 -1.56
N GLN B 62 -7.89 14.25 -2.76
CA GLN B 62 -9.32 14.00 -2.89
C GLN B 62 -9.65 12.61 -2.34
N ASP B 63 -8.87 11.58 -2.65
CA ASP B 63 -9.06 10.28 -2.02
C ASP B 63 -8.96 10.39 -0.50
N LEU B 64 -8.00 11.17 0.00
CA LEU B 64 -7.89 11.30 1.45
C LEU B 64 -9.17 11.85 2.05
N GLU B 65 -9.79 12.80 1.33
CA GLU B 65 -11.04 13.44 1.74
C GLU B 65 -12.14 12.41 1.81
N TRP B 66 -12.26 11.63 0.75
CA TRP B 66 -13.24 10.57 0.67
C TRP B 66 -13.00 9.44 1.68
N LEU B 67 -11.74 9.09 1.95
CA LEU B 67 -11.49 8.11 3.01
C LEU B 67 -12.03 8.65 4.34
N GLN B 68 -11.81 9.93 4.62
CA GLN B 68 -12.30 10.49 5.88
C GLN B 68 -13.83 10.47 5.90
N GLN B 69 -14.48 10.74 4.76
CA GLN B 69 -15.94 10.74 4.72
C GLN B 69 -16.49 9.31 4.82
N ALA B 70 -15.76 8.30 4.34
CA ALA B 70 -16.34 6.97 4.19
C ALA B 70 -16.67 6.39 5.57
N ASP B 71 -17.72 5.57 5.60
CA ASP B 71 -18.04 4.77 6.76
C ASP B 71 -17.40 3.38 6.59
N VAL B 72 -17.35 2.91 5.34
CA VAL B 72 -16.79 1.60 5.04
C VAL B 72 -15.82 1.80 3.90
N VAL B 73 -14.62 1.27 4.07
CA VAL B 73 -13.64 1.18 3.00
C VAL B 73 -13.63 -0.24 2.41
N VAL B 74 -13.83 -0.33 1.09
CA VAL B 74 -13.92 -1.59 0.39
C VAL B 74 -12.76 -1.66 -0.59
N ALA B 75 -11.89 -2.64 -0.38
CA ALA B 75 -10.68 -2.72 -1.16
C ALA B 75 -10.60 -4.09 -1.81
N GLU B 76 -10.37 -4.11 -3.11
CA GLU B 76 -10.10 -5.34 -3.84
C GLU B 76 -8.58 -5.56 -3.84
N VAL B 77 -8.13 -6.59 -3.13
CA VAL B 77 -6.74 -6.74 -2.80
C VAL B 77 -6.12 -7.96 -3.49
N THR B 78 -6.71 -8.37 -4.61
CA THR B 78 -6.22 -9.56 -5.30
C THR B 78 -4.84 -9.30 -5.89
N GLN B 79 -4.71 -8.19 -6.62
CA GLN B 79 -3.44 -7.76 -7.20
C GLN B 79 -2.70 -6.83 -6.24
N PRO B 80 -1.38 -7.00 -6.06
CA PRO B 80 -0.58 -6.10 -5.23
C PRO B 80 -0.73 -4.66 -5.70
N SER B 81 -0.83 -3.73 -4.75
CA SER B 81 -0.93 -2.33 -5.10
C SER B 81 -0.49 -1.45 -3.95
N LEU B 82 0.48 -0.56 -4.24
CA LEU B 82 0.97 0.40 -3.28
C LEU B 82 -0.16 1.34 -2.85
N GLY B 83 -1.00 1.74 -3.80
CA GLY B 83 -2.02 2.74 -3.54
C GLY B 83 -3.12 2.23 -2.63
N VAL B 84 -3.58 1.02 -2.93
CA VAL B 84 -4.60 0.35 -2.13
C VAL B 84 -4.09 0.08 -0.72
N GLY B 85 -2.83 -0.41 -0.65
CA GLY B 85 -2.13 -0.60 0.61
C GLY B 85 -2.13 0.67 1.46
N TYR B 86 -1.72 1.78 0.85
CA TYR B 86 -1.65 3.04 1.54
C TYR B 86 -3.02 3.47 2.07
N GLU B 87 -4.04 3.38 1.22
CA GLU B 87 -5.40 3.74 1.62
C GLU B 87 -5.82 2.89 2.82
N LEU B 88 -5.52 1.59 2.76
CA LEU B 88 -5.85 0.74 3.90
C LEU B 88 -5.11 1.18 5.16
N GLY B 89 -3.85 1.57 5.02
CA GLY B 89 -3.09 2.02 6.17
C GLY B 89 -3.65 3.30 6.78
N ARG B 90 -3.97 4.28 5.91
CA ARG B 90 -4.63 5.50 6.33
C ARG B 90 -6.00 5.16 6.93
N ALA B 91 -6.71 4.24 6.26
CA ALA B 91 -8.02 3.81 6.74
C ALA B 91 -7.91 3.23 8.14
N VAL B 92 -6.91 2.39 8.39
CA VAL B 92 -6.78 1.81 9.73
C VAL B 92 -6.51 2.91 10.76
N ALA B 93 -5.71 3.91 10.41
CA ALA B 93 -5.38 4.98 11.35
C ALA B 93 -6.60 5.86 11.59
N PHE B 94 -7.51 5.94 10.60
CA PHE B 94 -8.72 6.73 10.75
C PHE B 94 -9.82 5.91 11.41
N ASN B 95 -9.53 4.65 11.78
CA ASN B 95 -10.48 3.84 12.53
C ASN B 95 -11.71 3.49 11.68
N LYS B 96 -11.52 3.25 10.38
CA LYS B 96 -12.67 2.91 9.54
C LYS B 96 -12.97 1.43 9.64
N ARG B 97 -14.24 1.11 9.41
CA ARG B 97 -14.59 -0.24 9.03
C ARG B 97 -14.06 -0.51 7.62
N ILE B 98 -13.50 -1.70 7.45
CA ILE B 98 -12.77 -2.10 6.25
C ILE B 98 -13.23 -3.49 5.81
N LEU B 99 -13.52 -3.59 4.50
CA LEU B 99 -13.81 -4.85 3.86
C LEU B 99 -12.86 -5.05 2.69
N CYS B 100 -11.96 -6.04 2.81
CA CYS B 100 -11.08 -6.39 1.70
C CYS B 100 -11.65 -7.60 0.98
N LEU B 101 -11.60 -7.57 -0.35
CA LEU B 101 -12.10 -8.66 -1.21
C LEU B 101 -10.90 -9.27 -1.92
N PHE B 102 -10.67 -10.55 -1.69
CA PHE B 102 -9.51 -11.24 -2.30
C PHE B 102 -9.96 -12.45 -3.09
N ARG B 103 -9.39 -12.67 -4.27
CA ARG B 103 -9.72 -13.86 -5.07
C ARG B 103 -8.60 -14.89 -4.89
N PRO B 104 -8.80 -15.96 -4.10
CA PRO B 104 -7.78 -16.99 -3.86
C PRO B 104 -7.40 -17.77 -5.12
N GLN B 105 -8.34 -17.90 -6.06
CA GLN B 105 -8.19 -18.62 -7.36
C GLN B 105 -7.09 -17.97 -8.22
N SER B 106 -6.88 -16.66 -8.09
CA SER B 106 -5.79 -15.93 -8.77
C SER B 106 -4.43 -16.61 -8.55
N GLY B 107 -4.31 -17.52 -7.57
CA GLY B 107 -3.03 -18.16 -7.29
C GLY B 107 -2.05 -17.21 -6.61
N ARG B 108 -2.51 -16.03 -6.15
CA ARG B 108 -1.68 -15.19 -5.32
C ARG B 108 -1.90 -15.59 -3.86
N VAL B 109 -1.00 -15.13 -3.01
CA VAL B 109 -1.22 -15.20 -1.58
C VAL B 109 -1.29 -13.77 -1.09
N LEU B 110 -2.28 -13.48 -0.23
CA LEU B 110 -2.48 -12.13 0.25
C LEU B 110 -1.39 -11.74 1.24
N SER B 111 -0.83 -10.56 1.08
CA SER B 111 0.14 -9.99 1.99
C SER B 111 -0.20 -10.33 3.44
N ALA B 112 0.81 -10.73 4.23
CA ALA B 112 0.64 -11.00 5.65
C ALA B 112 0.30 -9.75 6.43
N MET B 113 0.72 -8.58 5.93
CA MET B 113 0.44 -7.33 6.60
C MET B 113 -1.06 -7.08 6.61
N ILE B 114 -1.70 -7.40 5.48
CA ILE B 114 -3.14 -7.19 5.36
C ILE B 114 -3.89 -8.27 6.16
N ARG B 115 -3.50 -9.54 6.00
CA ARG B 115 -4.14 -10.61 6.75
C ARG B 115 -4.00 -10.37 8.23
N GLY B 116 -2.79 -9.98 8.63
CA GLY B 116 -2.50 -9.77 10.04
C GLY B 116 -3.21 -8.56 10.60
N ALA B 117 -3.66 -7.63 9.73
CA ALA B 117 -4.44 -6.48 10.16
C ALA B 117 -5.87 -6.89 10.50
N ALA B 118 -6.36 -7.95 9.84
CA ALA B 118 -7.73 -8.36 9.97
C ALA B 118 -8.01 -8.79 11.42
N ASP B 119 -9.19 -8.47 11.93
CA ASP B 119 -9.67 -8.99 13.21
C ASP B 119 -11.01 -9.71 13.02
N GLY B 120 -11.49 -9.81 11.76
CA GLY B 120 -12.80 -10.41 11.46
C GLY B 120 -13.99 -9.58 11.92
N SER B 121 -13.79 -8.36 12.44
CA SER B 121 -14.92 -7.52 12.82
C SER B 121 -14.90 -6.18 12.07
N ARG B 122 -14.11 -5.24 12.58
CA ARG B 122 -13.81 -3.96 11.97
C ARG B 122 -13.06 -4.08 10.64
N PHE B 123 -12.07 -4.98 10.62
CA PHE B 123 -11.24 -5.23 9.46
C PHE B 123 -11.47 -6.68 9.08
N GLN B 124 -12.22 -6.88 7.97
CA GLN B 124 -12.53 -8.20 7.45
C GLN B 124 -11.92 -8.35 6.08
N VAL B 125 -11.48 -9.59 5.79
CA VAL B 125 -11.00 -10.00 4.49
C VAL B 125 -11.86 -11.17 4.04
N TRP B 126 -12.64 -10.97 2.94
CA TRP B 126 -13.49 -12.00 2.40
C TRP B 126 -12.87 -12.53 1.12
N ASP B 127 -12.60 -13.84 1.14
CA ASP B 127 -12.14 -14.57 -0.03
C ASP B 127 -13.35 -14.96 -0.87
N TYR B 128 -13.34 -14.67 -2.16
CA TYR B 128 -14.49 -14.91 -3.01
C TYR B 128 -14.05 -15.43 -4.37
N GLU B 129 -15.01 -15.97 -5.13
CA GLU B 129 -14.84 -16.35 -6.52
C GLU B 129 -15.62 -15.38 -7.39
N GLU B 130 -15.16 -15.17 -8.63
CA GLU B 130 -15.56 -13.99 -9.39
C GLU B 130 -17.08 -13.89 -9.47
N GLY B 131 -17.74 -15.06 -9.55
CA GLY B 131 -19.15 -15.09 -9.83
C GLY B 131 -20.02 -14.99 -8.57
N GLU B 132 -19.44 -14.75 -7.40
CA GLU B 132 -20.30 -14.69 -6.22
C GLU B 132 -20.19 -13.36 -5.50
N VAL B 133 -19.59 -12.33 -6.13
CA VAL B 133 -19.24 -11.10 -5.44
C VAL B 133 -20.49 -10.34 -4.98
N GLU B 134 -21.59 -10.39 -5.74
CA GLU B 134 -22.82 -9.73 -5.34
C GLU B 134 -23.43 -10.36 -4.09
N ALA B 135 -23.48 -11.71 -4.03
CA ALA B 135 -23.99 -12.40 -2.86
C ALA B 135 -23.18 -11.99 -1.63
N LEU B 136 -21.88 -11.85 -1.82
CA LEU B 136 -20.97 -11.56 -0.74
C LEU B 136 -21.26 -10.18 -0.15
N LEU B 137 -21.42 -9.18 -1.04
CA LEU B 137 -21.68 -7.82 -0.59
C LEU B 137 -23.05 -7.73 0.07
N ASP B 138 -24.03 -8.44 -0.52
CA ASP B 138 -25.34 -8.65 0.10
C ASP B 138 -25.22 -9.17 1.53
N ARG B 139 -24.39 -10.20 1.74
CA ARG B 139 -24.25 -10.76 3.07
C ARG B 139 -23.66 -9.69 3.98
N TYR B 140 -22.65 -8.98 3.52
CA TYR B 140 -21.97 -8.03 4.43
C TYR B 140 -22.89 -6.88 4.79
N PHE B 141 -23.62 -6.34 3.83
CA PHE B 141 -24.42 -5.12 4.06
C PHE B 141 -25.85 -5.44 4.52
N GLU B 142 -26.13 -6.69 4.88
CA GLU B 142 -27.47 -6.99 5.43
C GLU B 142 -27.35 -7.47 6.88
CL CL C . 1.28 -7.46 -1.97
CL CL D . 9.23 14.91 -2.66
CL CL E . 26.83 -17.18 -9.27
C1 PEG F . 28.50 9.62 16.61
O1 PEG F . 27.33 9.14 15.94
C2 PEG F . 28.76 8.91 17.91
O2 PEG F . 29.20 9.82 18.91
C3 PEG F . 29.46 9.23 20.18
C4 PEG F . 28.22 9.26 21.02
O4 PEG F . 28.00 10.51 21.64
C1 PEG G . 15.23 15.47 7.04
O1 PEG G . 13.84 15.69 6.86
C2 PEG G . 15.65 14.03 6.86
O2 PEG G . 16.55 13.64 7.89
C3 PEG G . 17.07 12.33 7.72
C4 PEG G . 17.95 11.97 8.89
O4 PEG G . 17.25 12.02 10.12
C1 PEG H . 0.81 17.05 0.19
O1 PEG H . 0.24 16.07 -0.69
C2 PEG H . 0.63 16.69 1.65
O2 PEG H . 1.29 15.47 1.98
C3 PEG H . 0.45 14.31 1.85
C4 PEG H . 1.03 13.14 2.59
O4 PEG H . 1.81 13.54 3.70
CL CL I . -12.76 -19.17 -3.29
C1 PEG J . -9.25 15.40 -7.39
O1 PEG J . -9.45 16.75 -7.72
C2 PEG J . -9.00 14.50 -8.59
O2 PEG J . -8.37 15.16 -9.70
C3 PEG J . -8.17 14.28 -10.81
C4 PEG J . -8.04 15.06 -12.06
O4 PEG J . -6.74 15.54 -12.27
C1 PEG K . -1.83 0.17 -8.83
O1 PEG K . -3.13 0.09 -8.31
C2 PEG K . -0.94 -0.87 -8.26
O2 PEG K . -0.08 -0.27 -7.28
C3 PEG K . 1.31 -0.39 -7.60
C4 PEG K . 2.04 0.82 -7.15
O4 PEG K . 2.76 1.52 -8.20
C1 PEG L . -8.30 18.87 -3.68
O1 PEG L . -8.73 19.90 -4.56
C2 PEG L . -8.86 19.01 -2.32
O2 PEG L . -9.26 17.73 -1.84
C3 PEG L . -10.51 17.74 -1.15
C4 PEG L . -10.30 18.27 0.24
O4 PEG L . -11.30 19.20 0.60
S SO4 M . -1.91 16.42 -14.47
O1 SO4 M . -0.86 17.13 -15.13
O2 SO4 M . -2.57 15.58 -15.36
O3 SO4 M . -1.27 15.68 -13.44
O4 SO4 M . -2.85 17.32 -13.94
#